data_1U6U
# 
_entry.id   1U6U 
# 
_audit_conform.dict_name       mmcif_pdbx.dic 
_audit_conform.dict_version    5.392 
_audit_conform.dict_location   http://mmcif.pdb.org/dictionaries/ascii/mmcif_pdbx.dic 
# 
loop_
_database_2.database_id 
_database_2.database_code 
_database_2.pdbx_database_accession 
_database_2.pdbx_DOI 
PDB   1U6U         pdb_00001u6u 10.2210/pdb1u6u/pdb 
RCSB  RCSB023318   ?            ?                   
WWPDB D_1000023318 ?            ?                   
# 
loop_
_pdbx_audit_revision_history.ordinal 
_pdbx_audit_revision_history.data_content_type 
_pdbx_audit_revision_history.major_revision 
_pdbx_audit_revision_history.minor_revision 
_pdbx_audit_revision_history.revision_date 
1 'Structure model' 1 0 2005-04-05 
2 'Structure model' 1 1 2008-04-30 
3 'Structure model' 1 2 2011-07-13 
4 'Structure model' 1 3 2022-03-02 
5 'Structure model' 1 4 2024-05-29 
# 
_pdbx_audit_revision_details.ordinal             1 
_pdbx_audit_revision_details.revision_ordinal    1 
_pdbx_audit_revision_details.data_content_type   'Structure model' 
_pdbx_audit_revision_details.provider            repository 
_pdbx_audit_revision_details.type                'Initial release' 
_pdbx_audit_revision_details.description         ? 
_pdbx_audit_revision_details.details             ? 
# 
loop_
_pdbx_audit_revision_group.ordinal 
_pdbx_audit_revision_group.revision_ordinal 
_pdbx_audit_revision_group.data_content_type 
_pdbx_audit_revision_group.group 
1 2 'Structure model' 'Version format compliance' 
2 3 'Structure model' 'Version format compliance' 
3 4 'Structure model' 'Data collection'           
4 4 'Structure model' 'Database references'       
5 4 'Structure model' 'Derived calculations'      
6 5 'Structure model' 'Data collection'           
# 
loop_
_pdbx_audit_revision_category.ordinal 
_pdbx_audit_revision_category.revision_ordinal 
_pdbx_audit_revision_category.data_content_type 
_pdbx_audit_revision_category.category 
1 4 'Structure model' database_2            
2 4 'Structure model' pdbx_nmr_software     
3 4 'Structure model' pdbx_struct_assembly  
4 4 'Structure model' pdbx_struct_oper_list 
5 5 'Structure model' chem_comp_atom        
6 5 'Structure model' chem_comp_bond        
# 
loop_
_pdbx_audit_revision_item.ordinal 
_pdbx_audit_revision_item.revision_ordinal 
_pdbx_audit_revision_item.data_content_type 
_pdbx_audit_revision_item.item 
1 4 'Structure model' '_database_2.pdbx_DOI'                
2 4 'Structure model' '_database_2.pdbx_database_accession' 
3 4 'Structure model' '_pdbx_nmr_software.name'             
# 
_pdbx_database_status.status_code                     REL 
_pdbx_database_status.entry_id                        1U6U 
_pdbx_database_status.recvd_initial_deposition_date   2004-08-02 
_pdbx_database_status.deposit_site                    RCSB 
_pdbx_database_status.process_site                    PDBJ 
_pdbx_database_status.status_code_sf                  ? 
_pdbx_database_status.status_code_mr                  REL 
_pdbx_database_status.SG_entry                        ? 
_pdbx_database_status.pdb_format_compatible           Y 
_pdbx_database_status.status_code_cs                  ? 
_pdbx_database_status.status_code_nmr_data            ? 
_pdbx_database_status.methods_development_category    ? 
# 
_pdbx_database_related.db_name        PDB 
_pdbx_database_related.db_id          1U6V 
_pdbx_database_related.details        'ensemble structures (30 models)' 
_pdbx_database_related.content_type   unspecified 
# 
loop_
_audit_author.name 
_audit_author.pdbx_ordinal 
'Rosen, O.'        1 
'Chill, J.'        2 
'Sharon, M.'       3 
'Kessler, N.'      4 
'Mester, B.'       5 
'Zolla-Pazner, S.' 6 
'Anglister, J.'    7 
# 
_citation.id                        primary 
_citation.title                     
;Induced fit in HIV-neutralizing antibody complexes: evidence for alternative conformations of the gp120 V3 loop and the molecular basis for broad neutralization.
;
_citation.journal_abbrev            Biochemistry 
_citation.journal_volume            44 
_citation.page_first                7250 
_citation.page_last                 7258 
_citation.year                      2005 
_citation.journal_id_ASTM           BICHAW 
_citation.country                   US 
_citation.journal_id_ISSN           0006-2960 
_citation.journal_id_CSD            0033 
_citation.book_publisher            ? 
_citation.pdbx_database_id_PubMed   15882063 
_citation.pdbx_database_id_DOI      10.1021/bi047387t 
# 
loop_
_citation_author.citation_id 
_citation_author.name 
_citation_author.ordinal 
_citation_author.identifier_ORCID 
primary 'Rosen, O.'        1 ? 
primary 'Chill, J.'        2 ? 
primary 'Sharon, M.'       3 ? 
primary 'Kessler, N.'      4 ? 
primary 'Mester, B.'       5 ? 
primary 'Zolla-Pazner, S.' 6 ? 
primary 'Anglister, J.'    7 ? 
# 
_entity.id                         1 
_entity.type                       polymer 
_entity.src_method                 man 
_entity.pdbx_description           'V3 peptide' 
_entity.formula_weight             1860.213 
_entity.pdbx_number_of_molecules   1 
_entity.pdbx_ec                    ? 
_entity.pdbx_mutation              ? 
_entity.pdbx_fragment              ? 
_entity.details                    ? 
# 
_entity_poly.entity_id                      1 
_entity_poly.type                           'polypeptide(L)' 
_entity_poly.nstd_linkage                   no 
_entity_poly.nstd_monomer                   no 
_entity_poly.pdbx_seq_one_letter_code       KSIRIQRGPGRAFVTIG 
_entity_poly.pdbx_seq_one_letter_code_can   KSIRIQRGPGRAFVTIG 
_entity_poly.pdbx_strand_id                 A 
_entity_poly.pdbx_target_identifier         ? 
# 
loop_
_entity_poly_seq.entity_id 
_entity_poly_seq.num 
_entity_poly_seq.mon_id 
_entity_poly_seq.hetero 
1 1  LYS n 
1 2  SER n 
1 3  ILE n 
1 4  ARG n 
1 5  ILE n 
1 6  GLN n 
1 7  ARG n 
1 8  GLY n 
1 9  PRO n 
1 10 GLY n 
1 11 ARG n 
1 12 ALA n 
1 13 PHE n 
1 14 VAL n 
1 15 THR n 
1 16 ILE n 
1 17 GLY n 
# 
_entity_src_gen.entity_id                          1 
_entity_src_gen.pdbx_src_id                        1 
_entity_src_gen.pdbx_alt_source_flag               sample 
_entity_src_gen.pdbx_seq_type                      ? 
_entity_src_gen.pdbx_beg_seq_num                   ? 
_entity_src_gen.pdbx_end_seq_num                   ? 
_entity_src_gen.gene_src_common_name               ? 
_entity_src_gen.gene_src_genus                     Lentivirus 
_entity_src_gen.pdbx_gene_src_gene                 ? 
_entity_src_gen.gene_src_species                   ? 
_entity_src_gen.gene_src_strain                    'IIIB isolate' 
_entity_src_gen.gene_src_tissue                    ? 
_entity_src_gen.gene_src_tissue_fraction           ? 
_entity_src_gen.gene_src_details                   ? 
_entity_src_gen.pdbx_gene_src_fragment             ? 
_entity_src_gen.pdbx_gene_src_scientific_name      'Human immunodeficiency virus 1' 
_entity_src_gen.pdbx_gene_src_ncbi_taxonomy_id     11676 
_entity_src_gen.pdbx_gene_src_variant              ? 
_entity_src_gen.pdbx_gene_src_cell_line            ? 
_entity_src_gen.pdbx_gene_src_atcc                 ? 
_entity_src_gen.pdbx_gene_src_organ                ? 
_entity_src_gen.pdbx_gene_src_organelle            ? 
_entity_src_gen.pdbx_gene_src_cell                 ? 
_entity_src_gen.pdbx_gene_src_cellular_location    ? 
_entity_src_gen.host_org_common_name               ? 
_entity_src_gen.pdbx_host_org_scientific_name      'Escherichia coli' 
_entity_src_gen.pdbx_host_org_ncbi_taxonomy_id     562 
_entity_src_gen.host_org_genus                     Escherichia 
_entity_src_gen.pdbx_host_org_gene                 ? 
_entity_src_gen.pdbx_host_org_organ                ? 
_entity_src_gen.host_org_species                   ? 
_entity_src_gen.pdbx_host_org_tissue               ? 
_entity_src_gen.pdbx_host_org_tissue_fraction      ? 
_entity_src_gen.pdbx_host_org_strain               'BL21-Gold(DE3)pLysS' 
_entity_src_gen.pdbx_host_org_variant              ? 
_entity_src_gen.pdbx_host_org_cell_line            ? 
_entity_src_gen.pdbx_host_org_atcc                 ? 
_entity_src_gen.pdbx_host_org_culture_collection   ? 
_entity_src_gen.pdbx_host_org_cell                 ? 
_entity_src_gen.pdbx_host_org_organelle            ? 
_entity_src_gen.pdbx_host_org_cellular_location    ? 
_entity_src_gen.pdbx_host_org_vector_type          pM104 
_entity_src_gen.pdbx_host_org_vector               ? 
_entity_src_gen.host_org_details                   ? 
_entity_src_gen.expression_system_id               ? 
_entity_src_gen.plasmid_name                       pM4-V3IIIB 
_entity_src_gen.plasmid_details                    ? 
_entity_src_gen.pdbx_description                   ? 
# 
loop_
_chem_comp.id 
_chem_comp.type 
_chem_comp.mon_nstd_flag 
_chem_comp.name 
_chem_comp.pdbx_synonyms 
_chem_comp.formula 
_chem_comp.formula_weight 
ALA 'L-peptide linking' y ALANINE       ? 'C3 H7 N O2'     89.093  
ARG 'L-peptide linking' y ARGININE      ? 'C6 H15 N4 O2 1' 175.209 
GLN 'L-peptide linking' y GLUTAMINE     ? 'C5 H10 N2 O3'   146.144 
GLY 'peptide linking'   y GLYCINE       ? 'C2 H5 N O2'     75.067  
ILE 'L-peptide linking' y ISOLEUCINE    ? 'C6 H13 N O2'    131.173 
LYS 'L-peptide linking' y LYSINE        ? 'C6 H15 N2 O2 1' 147.195 
PHE 'L-peptide linking' y PHENYLALANINE ? 'C9 H11 N O2'    165.189 
PRO 'L-peptide linking' y PROLINE       ? 'C5 H9 N O2'     115.130 
SER 'L-peptide linking' y SERINE        ? 'C3 H7 N O3'     105.093 
THR 'L-peptide linking' y THREONINE     ? 'C4 H9 N O3'     119.119 
VAL 'L-peptide linking' y VALINE        ? 'C5 H11 N O2'    117.146 
# 
loop_
_pdbx_poly_seq_scheme.asym_id 
_pdbx_poly_seq_scheme.entity_id 
_pdbx_poly_seq_scheme.seq_id 
_pdbx_poly_seq_scheme.mon_id 
_pdbx_poly_seq_scheme.ndb_seq_num 
_pdbx_poly_seq_scheme.pdb_seq_num 
_pdbx_poly_seq_scheme.auth_seq_num 
_pdbx_poly_seq_scheme.pdb_mon_id 
_pdbx_poly_seq_scheme.auth_mon_id 
_pdbx_poly_seq_scheme.pdb_strand_id 
_pdbx_poly_seq_scheme.pdb_ins_code 
_pdbx_poly_seq_scheme.hetero 
A 1 1  LYS 1  312 312 LYS LYS A . n 
A 1 2  SER 2  313 313 SER SER A . n 
A 1 3  ILE 3  314 314 ILE ILE A . n 
A 1 4  ARG 4  315 315 ARG ARG A . n 
A 1 5  ILE 5  316 316 ILE ILE A . n 
A 1 6  GLN 6  317 317 GLN GLN A . n 
A 1 7  ARG 7  318 318 ARG ARG A . n 
A 1 8  GLY 8  319 319 GLY GLY A . n 
A 1 9  PRO 9  320 320 PRO PRO A . n 
A 1 10 GLY 10 321 321 GLY GLY A . n 
A 1 11 ARG 11 322 322 ARG ARG A . n 
A 1 12 ALA 12 323 323 ALA ALA A . n 
A 1 13 PHE 13 324 324 PHE PHE A . n 
A 1 14 VAL 14 325 325 VAL VAL A . n 
A 1 15 THR 15 326 326 THR THR A . n 
A 1 16 ILE 16 327 327 ILE ILE A . n 
A 1 17 GLY 17 328 328 GLY GLY A . n 
# 
_exptl.entry_id          1U6U 
_exptl.method            'SOLUTION NMR' 
_exptl.crystals_number   ? 
# 
_exptl_crystal.id                    1 
_exptl_crystal.density_meas          ? 
_exptl_crystal.density_Matthews      ? 
_exptl_crystal.density_percent_sol   ? 
_exptl_crystal.description           ? 
# 
_diffrn.id                     1 
_diffrn.ambient_temp           ? 
_diffrn.ambient_temp_details   ? 
_diffrn.crystal_id             1 
# 
_diffrn_radiation.diffrn_id                        1 
_diffrn_radiation.wavelength_id                    1 
_diffrn_radiation.pdbx_monochromatic_or_laue_m_l   M 
_diffrn_radiation.monochromator                    ? 
_diffrn_radiation.pdbx_diffrn_protocol             'SINGLE WAVELENGTH' 
_diffrn_radiation.pdbx_scattering_type             ? 
# 
_diffrn_radiation_wavelength.id           1 
_diffrn_radiation_wavelength.wavelength   . 
_diffrn_radiation_wavelength.wt           1.0 
# 
_struct.entry_id                  1U6U 
_struct.title                     
'NMR structure of a V3 (IIIB isolate) peptide bound to 447-52D, a human HIV-1 neutralizing antibody' 
_struct.pdbx_model_details        ? 
_struct.pdbx_CASP_flag            ? 
_struct.pdbx_model_type_details   'minimized average' 
# 
_struct_keywords.entry_id        1U6U 
_struct_keywords.pdbx_keywords   'VIRAL PROTEIN' 
_struct_keywords.text            'Beta hairpin, Viral protein' 
# 
_struct_asym.id                            A 
_struct_asym.pdbx_blank_PDB_chainid_flag   N 
_struct_asym.pdbx_modified                 N 
_struct_asym.entity_id                     1 
_struct_asym.details                       ? 
# 
_struct_ref.id                         1 
_struct_ref.entity_id                  1 
_struct_ref.db_name                    PDB 
_struct_ref.db_code                    1U6U 
_struct_ref.pdbx_db_accession          1U6U 
_struct_ref.pdbx_db_isoform            ? 
_struct_ref.pdbx_seq_one_letter_code   ? 
_struct_ref.pdbx_align_begin           ? 
# 
_struct_ref_seq.align_id                      1 
_struct_ref_seq.ref_id                        1 
_struct_ref_seq.pdbx_PDB_id_code              1U6U 
_struct_ref_seq.pdbx_strand_id                A 
_struct_ref_seq.seq_align_beg                 1 
_struct_ref_seq.pdbx_seq_align_beg_ins_code   ? 
_struct_ref_seq.seq_align_end                 17 
_struct_ref_seq.pdbx_seq_align_end_ins_code   ? 
_struct_ref_seq.pdbx_db_accession             1U6U 
_struct_ref_seq.db_align_beg                  312 
_struct_ref_seq.pdbx_db_align_beg_ins_code    ? 
_struct_ref_seq.db_align_end                  328 
_struct_ref_seq.pdbx_db_align_end_ins_code    ? 
_struct_ref_seq.pdbx_auth_seq_align_beg       312 
_struct_ref_seq.pdbx_auth_seq_align_end       328 
# 
_pdbx_struct_assembly.id                   1 
_pdbx_struct_assembly.details              author_defined_assembly 
_pdbx_struct_assembly.method_details       ? 
_pdbx_struct_assembly.oligomeric_details   monomeric 
_pdbx_struct_assembly.oligomeric_count     1 
# 
_pdbx_struct_assembly_gen.assembly_id       1 
_pdbx_struct_assembly_gen.oper_expression   1 
_pdbx_struct_assembly_gen.asym_id_list      A 
# 
_pdbx_struct_oper_list.id                   1 
_pdbx_struct_oper_list.type                 'identity operation' 
_pdbx_struct_oper_list.name                 1_555 
_pdbx_struct_oper_list.symmetry_operation   x,y,z 
_pdbx_struct_oper_list.matrix[1][1]         1.0000000000 
_pdbx_struct_oper_list.matrix[1][2]         0.0000000000 
_pdbx_struct_oper_list.matrix[1][3]         0.0000000000 
_pdbx_struct_oper_list.vector[1]            0.0000000000 
_pdbx_struct_oper_list.matrix[2][1]         0.0000000000 
_pdbx_struct_oper_list.matrix[2][2]         1.0000000000 
_pdbx_struct_oper_list.matrix[2][3]         0.0000000000 
_pdbx_struct_oper_list.vector[2]            0.0000000000 
_pdbx_struct_oper_list.matrix[3][1]         0.0000000000 
_pdbx_struct_oper_list.matrix[3][2]         0.0000000000 
_pdbx_struct_oper_list.matrix[3][3]         1.0000000000 
_pdbx_struct_oper_list.vector[3]            0.0000000000 
# 
_struct_biol.id   1 
# 
_struct_sheet.id               A 
_struct_sheet.type             ? 
_struct_sheet.number_strands   2 
_struct_sheet.details          ? 
# 
_struct_sheet_order.sheet_id     A 
_struct_sheet_order.range_id_1   1 
_struct_sheet_order.range_id_2   2 
_struct_sheet_order.offset       ? 
_struct_sheet_order.sense        anti-parallel 
# 
loop_
_struct_sheet_range.sheet_id 
_struct_sheet_range.id 
_struct_sheet_range.beg_label_comp_id 
_struct_sheet_range.beg_label_asym_id 
_struct_sheet_range.beg_label_seq_id 
_struct_sheet_range.pdbx_beg_PDB_ins_code 
_struct_sheet_range.end_label_comp_id 
_struct_sheet_range.end_label_asym_id 
_struct_sheet_range.end_label_seq_id 
_struct_sheet_range.pdbx_end_PDB_ins_code 
_struct_sheet_range.beg_auth_comp_id 
_struct_sheet_range.beg_auth_asym_id 
_struct_sheet_range.beg_auth_seq_id 
_struct_sheet_range.end_auth_comp_id 
_struct_sheet_range.end_auth_asym_id 
_struct_sheet_range.end_auth_seq_id 
A 1 SER A 2  ? ILE A 5  ? SER A 313 ILE A 316 
A 2 PHE A 13 ? ILE A 16 ? PHE A 324 ILE A 327 
# 
_pdbx_struct_sheet_hbond.sheet_id                A 
_pdbx_struct_sheet_hbond.range_id_1              1 
_pdbx_struct_sheet_hbond.range_id_2              2 
_pdbx_struct_sheet_hbond.range_1_label_atom_id   N 
_pdbx_struct_sheet_hbond.range_1_label_comp_id   ARG 
_pdbx_struct_sheet_hbond.range_1_label_asym_id   A 
_pdbx_struct_sheet_hbond.range_1_label_seq_id    4 
_pdbx_struct_sheet_hbond.range_1_PDB_ins_code    ? 
_pdbx_struct_sheet_hbond.range_1_auth_atom_id    N 
_pdbx_struct_sheet_hbond.range_1_auth_comp_id    ARG 
_pdbx_struct_sheet_hbond.range_1_auth_asym_id    A 
_pdbx_struct_sheet_hbond.range_1_auth_seq_id     315 
_pdbx_struct_sheet_hbond.range_2_label_atom_id   O 
_pdbx_struct_sheet_hbond.range_2_label_comp_id   VAL 
_pdbx_struct_sheet_hbond.range_2_label_asym_id   A 
_pdbx_struct_sheet_hbond.range_2_label_seq_id    14 
_pdbx_struct_sheet_hbond.range_2_PDB_ins_code    ? 
_pdbx_struct_sheet_hbond.range_2_auth_atom_id    O 
_pdbx_struct_sheet_hbond.range_2_auth_comp_id    VAL 
_pdbx_struct_sheet_hbond.range_2_auth_asym_id    A 
_pdbx_struct_sheet_hbond.range_2_auth_seq_id     325 
# 
_pdbx_validate_torsion.id              1 
_pdbx_validate_torsion.PDB_model_num   1 
_pdbx_validate_torsion.auth_comp_id    PRO 
_pdbx_validate_torsion.auth_asym_id    A 
_pdbx_validate_torsion.auth_seq_id     320 
_pdbx_validate_torsion.PDB_ins_code    ? 
_pdbx_validate_torsion.label_alt_id    ? 
_pdbx_validate_torsion.phi             -52.03 
_pdbx_validate_torsion.psi             94.68 
# 
_pdbx_nmr_ensemble.entry_id                             1U6U 
_pdbx_nmr_ensemble.conformers_calculated_total_number   ? 
_pdbx_nmr_ensemble.conformers_submitted_total_number    1 
_pdbx_nmr_ensemble.conformer_selection_criteria         ? 
# 
_pdbx_nmr_representative.entry_id             1U6U 
_pdbx_nmr_representative.conformer_id         ? 
_pdbx_nmr_representative.selection_criteria   'minimized average structure' 
# 
loop_
_pdbx_nmr_sample_details.solution_id 
_pdbx_nmr_sample_details.contents 
_pdbx_nmr_sample_details.solvent_system 
1 '0.5mM V3IIIB-447-52D complex, U-15N; PH 5, 10mM d-acetic acid, 0.02% NaN3; 5% D2O, 95% H2O'     '5% D2O, 95% H20' 
2 '0.5mM V3IIIB-447-52D complex, U-15N-13C; PH 5, 10mM d-acetic acid, 0.02% NaN3; 5% D2O, 95% H2O' '5% D2O, 95% H20' 
3 '0.4mM V3IIIB-447-52D complex, U-15N-13C; PH 5, 10mM d-acetic acid, 0.02% NaN3; 100% D2O'        '100% D2O'        
# 
_pdbx_nmr_exptl_sample_conditions.conditions_id       1 
_pdbx_nmr_exptl_sample_conditions.temperature         305 
_pdbx_nmr_exptl_sample_conditions.pressure            ambient 
_pdbx_nmr_exptl_sample_conditions.pH                  5 
_pdbx_nmr_exptl_sample_conditions.ionic_strength      '10mM acetic acid' 
_pdbx_nmr_exptl_sample_conditions.pressure_units      ? 
_pdbx_nmr_exptl_sample_conditions.temperature_units   K 
# 
loop_
_pdbx_nmr_exptl.experiment_id 
_pdbx_nmr_exptl.solution_id 
_pdbx_nmr_exptl.conditions_id 
_pdbx_nmr_exptl.type 
1 2 1 3D_13C-separated_NOESY 
2 1 1 3D_15N-separated_NOESY 
3 1 1 HNHA                   
4 3 1 '2D-NOESY AROMATIC'    
# 
_pdbx_nmr_refine.entry_id           1U6U 
_pdbx_nmr_refine.method             'distance geometry, simulated annealing' 
_pdbx_nmr_refine.details            'The structure is based on 370 restraints, 21 dihedral angles and 5 hydrogen bonds' 
_pdbx_nmr_refine.software_ordinal   1 
# 
loop_
_pdbx_nmr_software.name 
_pdbx_nmr_software.version 
_pdbx_nmr_software.classification 
_pdbx_nmr_software.authors 
_pdbx_nmr_software.ordinal 
CNS     1.1 'structure solution' Brunger  1 
XwinNMR 3.0 collection           Bruker   2 
NMRPipe 2.1 'data analysis'      Delaglio 3 
CNS     1.1 refinement           Brunger  4 
# 
loop_
_chem_comp_atom.comp_id 
_chem_comp_atom.atom_id 
_chem_comp_atom.type_symbol 
_chem_comp_atom.pdbx_aromatic_flag 
_chem_comp_atom.pdbx_stereo_config 
_chem_comp_atom.pdbx_ordinal 
ALA N    N N N 1   
ALA CA   C N S 2   
ALA C    C N N 3   
ALA O    O N N 4   
ALA CB   C N N 5   
ALA OXT  O N N 6   
ALA H    H N N 7   
ALA H2   H N N 8   
ALA HA   H N N 9   
ALA HB1  H N N 10  
ALA HB2  H N N 11  
ALA HB3  H N N 12  
ALA HXT  H N N 13  
ARG N    N N N 14  
ARG CA   C N S 15  
ARG C    C N N 16  
ARG O    O N N 17  
ARG CB   C N N 18  
ARG CG   C N N 19  
ARG CD   C N N 20  
ARG NE   N N N 21  
ARG CZ   C N N 22  
ARG NH1  N N N 23  
ARG NH2  N N N 24  
ARG OXT  O N N 25  
ARG H    H N N 26  
ARG H2   H N N 27  
ARG HA   H N N 28  
ARG HB2  H N N 29  
ARG HB3  H N N 30  
ARG HG2  H N N 31  
ARG HG3  H N N 32  
ARG HD2  H N N 33  
ARG HD3  H N N 34  
ARG HE   H N N 35  
ARG HH11 H N N 36  
ARG HH12 H N N 37  
ARG HH21 H N N 38  
ARG HH22 H N N 39  
ARG HXT  H N N 40  
GLN N    N N N 41  
GLN CA   C N S 42  
GLN C    C N N 43  
GLN O    O N N 44  
GLN CB   C N N 45  
GLN CG   C N N 46  
GLN CD   C N N 47  
GLN OE1  O N N 48  
GLN NE2  N N N 49  
GLN OXT  O N N 50  
GLN H    H N N 51  
GLN H2   H N N 52  
GLN HA   H N N 53  
GLN HB2  H N N 54  
GLN HB3  H N N 55  
GLN HG2  H N N 56  
GLN HG3  H N N 57  
GLN HE21 H N N 58  
GLN HE22 H N N 59  
GLN HXT  H N N 60  
GLY N    N N N 61  
GLY CA   C N N 62  
GLY C    C N N 63  
GLY O    O N N 64  
GLY OXT  O N N 65  
GLY H    H N N 66  
GLY H2   H N N 67  
GLY HA2  H N N 68  
GLY HA3  H N N 69  
GLY HXT  H N N 70  
ILE N    N N N 71  
ILE CA   C N S 72  
ILE C    C N N 73  
ILE O    O N N 74  
ILE CB   C N S 75  
ILE CG1  C N N 76  
ILE CG2  C N N 77  
ILE CD1  C N N 78  
ILE OXT  O N N 79  
ILE H    H N N 80  
ILE H2   H N N 81  
ILE HA   H N N 82  
ILE HB   H N N 83  
ILE HG12 H N N 84  
ILE HG13 H N N 85  
ILE HG21 H N N 86  
ILE HG22 H N N 87  
ILE HG23 H N N 88  
ILE HD11 H N N 89  
ILE HD12 H N N 90  
ILE HD13 H N N 91  
ILE HXT  H N N 92  
LYS N    N N N 93  
LYS CA   C N S 94  
LYS C    C N N 95  
LYS O    O N N 96  
LYS CB   C N N 97  
LYS CG   C N N 98  
LYS CD   C N N 99  
LYS CE   C N N 100 
LYS NZ   N N N 101 
LYS OXT  O N N 102 
LYS H    H N N 103 
LYS H2   H N N 104 
LYS HA   H N N 105 
LYS HB2  H N N 106 
LYS HB3  H N N 107 
LYS HG2  H N N 108 
LYS HG3  H N N 109 
LYS HD2  H N N 110 
LYS HD3  H N N 111 
LYS HE2  H N N 112 
LYS HE3  H N N 113 
LYS HZ1  H N N 114 
LYS HZ2  H N N 115 
LYS HZ3  H N N 116 
LYS HXT  H N N 117 
PHE N    N N N 118 
PHE CA   C N S 119 
PHE C    C N N 120 
PHE O    O N N 121 
PHE CB   C N N 122 
PHE CG   C Y N 123 
PHE CD1  C Y N 124 
PHE CD2  C Y N 125 
PHE CE1  C Y N 126 
PHE CE2  C Y N 127 
PHE CZ   C Y N 128 
PHE OXT  O N N 129 
PHE H    H N N 130 
PHE H2   H N N 131 
PHE HA   H N N 132 
PHE HB2  H N N 133 
PHE HB3  H N N 134 
PHE HD1  H N N 135 
PHE HD2  H N N 136 
PHE HE1  H N N 137 
PHE HE2  H N N 138 
PHE HZ   H N N 139 
PHE HXT  H N N 140 
PRO N    N N N 141 
PRO CA   C N S 142 
PRO C    C N N 143 
PRO O    O N N 144 
PRO CB   C N N 145 
PRO CG   C N N 146 
PRO CD   C N N 147 
PRO OXT  O N N 148 
PRO H    H N N 149 
PRO HA   H N N 150 
PRO HB2  H N N 151 
PRO HB3  H N N 152 
PRO HG2  H N N 153 
PRO HG3  H N N 154 
PRO HD2  H N N 155 
PRO HD3  H N N 156 
PRO HXT  H N N 157 
SER N    N N N 158 
SER CA   C N S 159 
SER C    C N N 160 
SER O    O N N 161 
SER CB   C N N 162 
SER OG   O N N 163 
SER OXT  O N N 164 
SER H    H N N 165 
SER H2   H N N 166 
SER HA   H N N 167 
SER HB2  H N N 168 
SER HB3  H N N 169 
SER HG   H N N 170 
SER HXT  H N N 171 
THR N    N N N 172 
THR CA   C N S 173 
THR C    C N N 174 
THR O    O N N 175 
THR CB   C N R 176 
THR OG1  O N N 177 
THR CG2  C N N 178 
THR OXT  O N N 179 
THR H    H N N 180 
THR H2   H N N 181 
THR HA   H N N 182 
THR HB   H N N 183 
THR HG1  H N N 184 
THR HG21 H N N 185 
THR HG22 H N N 186 
THR HG23 H N N 187 
THR HXT  H N N 188 
VAL N    N N N 189 
VAL CA   C N S 190 
VAL C    C N N 191 
VAL O    O N N 192 
VAL CB   C N N 193 
VAL CG1  C N N 194 
VAL CG2  C N N 195 
VAL OXT  O N N 196 
VAL H    H N N 197 
VAL H2   H N N 198 
VAL HA   H N N 199 
VAL HB   H N N 200 
VAL HG11 H N N 201 
VAL HG12 H N N 202 
VAL HG13 H N N 203 
VAL HG21 H N N 204 
VAL HG22 H N N 205 
VAL HG23 H N N 206 
VAL HXT  H N N 207 
# 
loop_
_chem_comp_bond.comp_id 
_chem_comp_bond.atom_id_1 
_chem_comp_bond.atom_id_2 
_chem_comp_bond.value_order 
_chem_comp_bond.pdbx_aromatic_flag 
_chem_comp_bond.pdbx_stereo_config 
_chem_comp_bond.pdbx_ordinal 
ALA N   CA   sing N N 1   
ALA N   H    sing N N 2   
ALA N   H2   sing N N 3   
ALA CA  C    sing N N 4   
ALA CA  CB   sing N N 5   
ALA CA  HA   sing N N 6   
ALA C   O    doub N N 7   
ALA C   OXT  sing N N 8   
ALA CB  HB1  sing N N 9   
ALA CB  HB2  sing N N 10  
ALA CB  HB3  sing N N 11  
ALA OXT HXT  sing N N 12  
ARG N   CA   sing N N 13  
ARG N   H    sing N N 14  
ARG N   H2   sing N N 15  
ARG CA  C    sing N N 16  
ARG CA  CB   sing N N 17  
ARG CA  HA   sing N N 18  
ARG C   O    doub N N 19  
ARG C   OXT  sing N N 20  
ARG CB  CG   sing N N 21  
ARG CB  HB2  sing N N 22  
ARG CB  HB3  sing N N 23  
ARG CG  CD   sing N N 24  
ARG CG  HG2  sing N N 25  
ARG CG  HG3  sing N N 26  
ARG CD  NE   sing N N 27  
ARG CD  HD2  sing N N 28  
ARG CD  HD3  sing N N 29  
ARG NE  CZ   sing N N 30  
ARG NE  HE   sing N N 31  
ARG CZ  NH1  sing N N 32  
ARG CZ  NH2  doub N N 33  
ARG NH1 HH11 sing N N 34  
ARG NH1 HH12 sing N N 35  
ARG NH2 HH21 sing N N 36  
ARG NH2 HH22 sing N N 37  
ARG OXT HXT  sing N N 38  
GLN N   CA   sing N N 39  
GLN N   H    sing N N 40  
GLN N   H2   sing N N 41  
GLN CA  C    sing N N 42  
GLN CA  CB   sing N N 43  
GLN CA  HA   sing N N 44  
GLN C   O    doub N N 45  
GLN C   OXT  sing N N 46  
GLN CB  CG   sing N N 47  
GLN CB  HB2  sing N N 48  
GLN CB  HB3  sing N N 49  
GLN CG  CD   sing N N 50  
GLN CG  HG2  sing N N 51  
GLN CG  HG3  sing N N 52  
GLN CD  OE1  doub N N 53  
GLN CD  NE2  sing N N 54  
GLN NE2 HE21 sing N N 55  
GLN NE2 HE22 sing N N 56  
GLN OXT HXT  sing N N 57  
GLY N   CA   sing N N 58  
GLY N   H    sing N N 59  
GLY N   H2   sing N N 60  
GLY CA  C    sing N N 61  
GLY CA  HA2  sing N N 62  
GLY CA  HA3  sing N N 63  
GLY C   O    doub N N 64  
GLY C   OXT  sing N N 65  
GLY OXT HXT  sing N N 66  
ILE N   CA   sing N N 67  
ILE N   H    sing N N 68  
ILE N   H2   sing N N 69  
ILE CA  C    sing N N 70  
ILE CA  CB   sing N N 71  
ILE CA  HA   sing N N 72  
ILE C   O    doub N N 73  
ILE C   OXT  sing N N 74  
ILE CB  CG1  sing N N 75  
ILE CB  CG2  sing N N 76  
ILE CB  HB   sing N N 77  
ILE CG1 CD1  sing N N 78  
ILE CG1 HG12 sing N N 79  
ILE CG1 HG13 sing N N 80  
ILE CG2 HG21 sing N N 81  
ILE CG2 HG22 sing N N 82  
ILE CG2 HG23 sing N N 83  
ILE CD1 HD11 sing N N 84  
ILE CD1 HD12 sing N N 85  
ILE CD1 HD13 sing N N 86  
ILE OXT HXT  sing N N 87  
LYS N   CA   sing N N 88  
LYS N   H    sing N N 89  
LYS N   H2   sing N N 90  
LYS CA  C    sing N N 91  
LYS CA  CB   sing N N 92  
LYS CA  HA   sing N N 93  
LYS C   O    doub N N 94  
LYS C   OXT  sing N N 95  
LYS CB  CG   sing N N 96  
LYS CB  HB2  sing N N 97  
LYS CB  HB3  sing N N 98  
LYS CG  CD   sing N N 99  
LYS CG  HG2  sing N N 100 
LYS CG  HG3  sing N N 101 
LYS CD  CE   sing N N 102 
LYS CD  HD2  sing N N 103 
LYS CD  HD3  sing N N 104 
LYS CE  NZ   sing N N 105 
LYS CE  HE2  sing N N 106 
LYS CE  HE3  sing N N 107 
LYS NZ  HZ1  sing N N 108 
LYS NZ  HZ2  sing N N 109 
LYS NZ  HZ3  sing N N 110 
LYS OXT HXT  sing N N 111 
PHE N   CA   sing N N 112 
PHE N   H    sing N N 113 
PHE N   H2   sing N N 114 
PHE CA  C    sing N N 115 
PHE CA  CB   sing N N 116 
PHE CA  HA   sing N N 117 
PHE C   O    doub N N 118 
PHE C   OXT  sing N N 119 
PHE CB  CG   sing N N 120 
PHE CB  HB2  sing N N 121 
PHE CB  HB3  sing N N 122 
PHE CG  CD1  doub Y N 123 
PHE CG  CD2  sing Y N 124 
PHE CD1 CE1  sing Y N 125 
PHE CD1 HD1  sing N N 126 
PHE CD2 CE2  doub Y N 127 
PHE CD2 HD2  sing N N 128 
PHE CE1 CZ   doub Y N 129 
PHE CE1 HE1  sing N N 130 
PHE CE2 CZ   sing Y N 131 
PHE CE2 HE2  sing N N 132 
PHE CZ  HZ   sing N N 133 
PHE OXT HXT  sing N N 134 
PRO N   CA   sing N N 135 
PRO N   CD   sing N N 136 
PRO N   H    sing N N 137 
PRO CA  C    sing N N 138 
PRO CA  CB   sing N N 139 
PRO CA  HA   sing N N 140 
PRO C   O    doub N N 141 
PRO C   OXT  sing N N 142 
PRO CB  CG   sing N N 143 
PRO CB  HB2  sing N N 144 
PRO CB  HB3  sing N N 145 
PRO CG  CD   sing N N 146 
PRO CG  HG2  sing N N 147 
PRO CG  HG3  sing N N 148 
PRO CD  HD2  sing N N 149 
PRO CD  HD3  sing N N 150 
PRO OXT HXT  sing N N 151 
SER N   CA   sing N N 152 
SER N   H    sing N N 153 
SER N   H2   sing N N 154 
SER CA  C    sing N N 155 
SER CA  CB   sing N N 156 
SER CA  HA   sing N N 157 
SER C   O    doub N N 158 
SER C   OXT  sing N N 159 
SER CB  OG   sing N N 160 
SER CB  HB2  sing N N 161 
SER CB  HB3  sing N N 162 
SER OG  HG   sing N N 163 
SER OXT HXT  sing N N 164 
THR N   CA   sing N N 165 
THR N   H    sing N N 166 
THR N   H2   sing N N 167 
THR CA  C    sing N N 168 
THR CA  CB   sing N N 169 
THR CA  HA   sing N N 170 
THR C   O    doub N N 171 
THR C   OXT  sing N N 172 
THR CB  OG1  sing N N 173 
THR CB  CG2  sing N N 174 
THR CB  HB   sing N N 175 
THR OG1 HG1  sing N N 176 
THR CG2 HG21 sing N N 177 
THR CG2 HG22 sing N N 178 
THR CG2 HG23 sing N N 179 
THR OXT HXT  sing N N 180 
VAL N   CA   sing N N 181 
VAL N   H    sing N N 182 
VAL N   H2   sing N N 183 
VAL CA  C    sing N N 184 
VAL CA  CB   sing N N 185 
VAL CA  HA   sing N N 186 
VAL C   O    doub N N 187 
VAL C   OXT  sing N N 188 
VAL CB  CG1  sing N N 189 
VAL CB  CG2  sing N N 190 
VAL CB  HB   sing N N 191 
VAL CG1 HG11 sing N N 192 
VAL CG1 HG12 sing N N 193 
VAL CG1 HG13 sing N N 194 
VAL CG2 HG21 sing N N 195 
VAL CG2 HG22 sing N N 196 
VAL CG2 HG23 sing N N 197 
VAL OXT HXT  sing N N 198 
# 
loop_
_pdbx_nmr_spectrometer.spectrometer_id 
_pdbx_nmr_spectrometer.type 
_pdbx_nmr_spectrometer.manufacturer 
_pdbx_nmr_spectrometer.model 
_pdbx_nmr_spectrometer.field_strength 
1 ? Bruker DMX 500 
2 ? Bruker DRX 800 
# 
_atom_sites.entry_id                    1U6U 
_atom_sites.fract_transf_matrix[1][1]   1.000000 
_atom_sites.fract_transf_matrix[1][2]   0.000000 
_atom_sites.fract_transf_matrix[1][3]   0.000000 
_atom_sites.fract_transf_matrix[2][1]   0.000000 
_atom_sites.fract_transf_matrix[2][2]   1.000000 
_atom_sites.fract_transf_matrix[2][3]   0.000000 
_atom_sites.fract_transf_matrix[3][1]   0.000000 
_atom_sites.fract_transf_matrix[3][2]   0.000000 
_atom_sites.fract_transf_matrix[3][3]   1.000000 
_atom_sites.fract_transf_vector[1]      0.00000 
_atom_sites.fract_transf_vector[2]      0.00000 
_atom_sites.fract_transf_vector[3]      0.00000 
# 
loop_
_atom_type.symbol 
C 
H 
N 
O 
# 
loop_
_atom_site.group_PDB 
_atom_site.id 
_atom_site.type_symbol 
_atom_site.label_atom_id 
_atom_site.label_alt_id 
_atom_site.label_comp_id 
_atom_site.label_asym_id 
_atom_site.label_entity_id 
_atom_site.label_seq_id 
_atom_site.pdbx_PDB_ins_code 
_atom_site.Cartn_x 
_atom_site.Cartn_y 
_atom_site.Cartn_z 
_atom_site.occupancy 
_atom_site.B_iso_or_equiv 
_atom_site.pdbx_formal_charge 
_atom_site.auth_seq_id 
_atom_site.auth_comp_id 
_atom_site.auth_asym_id 
_atom_site.auth_atom_id 
_atom_site.pdbx_PDB_model_num 
ATOM 1   N N    . LYS A 1 1  ? 1.588   -1.378 13.910  1.00 0.67 ? 312 LYS A N    1 
ATOM 2   C CA   . LYS A 1 1  ? 0.971   -1.864 12.681  1.00 0.58 ? 312 LYS A CA   1 
ATOM 3   C C    . LYS A 1 1  ? 0.514   -0.703 11.804  1.00 0.51 ? 312 LYS A C    1 
ATOM 4   O O    . LYS A 1 1  ? -0.412  0.028  12.157  1.00 0.53 ? 312 LYS A O    1 
ATOM 5   C CB   . LYS A 1 1  ? -0.218  -2.770 13.007  1.00 0.60 ? 312 LYS A CB   1 
ATOM 6   C CG   . LYS A 1 1  ? 0.185   -4.125 13.567  1.00 0.78 ? 312 LYS A CG   1 
ATOM 7   C CD   . LYS A 1 1  ? 0.667   -5.060 12.470  1.00 0.90 ? 312 LYS A CD   1 
ATOM 8   C CE   . LYS A 1 1  ? 0.889   -6.468 12.997  1.00 1.64 ? 312 LYS A CE   1 
ATOM 9   N NZ   . LYS A 1 1  ? 1.565   -7.337 11.993  1.00 2.25 ? 312 LYS A NZ   1 
ATOM 10  H H1   . LYS A 1 1  ? 1.070   -0.803 14.510  1.00 0.74 ? 312 LYS A H1   1 
ATOM 11  H HA   . LYS A 1 1  ? 1.711   -2.437 12.142  1.00 0.61 ? 312 LYS A HA   1 
ATOM 12  H HB2  . LYS A 1 1  ? -0.843  -2.276 13.735  1.00 0.66 ? 312 LYS A HB2  1 
ATOM 13  H HB3  . LYS A 1 1  ? -0.790  -2.934 12.106  1.00 0.60 ? 312 LYS A HB3  1 
ATOM 14  H HG2  . LYS A 1 1  ? 0.982   -3.984 14.283  1.00 0.97 ? 312 LYS A HG2  1 
ATOM 15  H HG3  . LYS A 1 1  ? -0.668  -4.568 14.058  1.00 1.00 ? 312 LYS A HG3  1 
ATOM 16  H HD2  . LYS A 1 1  ? -0.074  -5.092 11.686  1.00 1.18 ? 312 LYS A HD2  1 
ATOM 17  H HD3  . LYS A 1 1  ? 1.599   -4.682 12.072  1.00 1.26 ? 312 LYS A HD3  1 
ATOM 18  H HE2  . LYS A 1 1  ? 1.502   -6.415 13.884  1.00 2.05 ? 312 LYS A HE2  1 
ATOM 19  H HE3  . LYS A 1 1  ? -0.069  -6.899 13.248  1.00 2.25 ? 312 LYS A HE3  1 
ATOM 20  H HZ1  . LYS A 1 1  ? 0.869   -7.703 11.312  1.00 2.59 ? 312 LYS A HZ1  1 
ATOM 21  H HZ2  . LYS A 1 1  ? 2.025   -8.140 12.467  1.00 2.64 ? 312 LYS A HZ2  1 
ATOM 22  H HZ3  . LYS A 1 1  ? 2.287   -6.793 11.478  1.00 2.72 ? 312 LYS A HZ3  1 
ATOM 23  N N    . SER A 1 2  ? 1.167   -0.541 10.658  1.00 0.51 ? 313 SER A N    1 
ATOM 24  C CA   . SER A 1 2  ? 0.827   0.531  9.729   1.00 0.51 ? 313 SER A CA   1 
ATOM 25  C C    . SER A 1 2  ? 1.127   0.119  8.292   1.00 0.46 ? 313 SER A C    1 
ATOM 26  O O    . SER A 1 2  ? 2.279   0.136  7.859   1.00 0.62 ? 313 SER A O    1 
ATOM 27  C CB   . SER A 1 2  ? 1.600   1.804  10.080  1.00 0.68 ? 313 SER A CB   1 
ATOM 28  O OG   . SER A 1 2  ? 1.074   2.416  11.245  1.00 1.45 ? 313 SER A OG   1 
ATOM 29  H H    . SER A 1 2  ? 1.896   -1.155 10.431  1.00 0.55 ? 313 SER A H    1 
ATOM 30  H HA   . SER A 1 2  ? -0.231  0.727  9.822   1.00 0.49 ? 313 SER A HA   1 
ATOM 31  H HB2  . SER A 1 2  ? 2.636   1.556  10.256  1.00 1.24 ? 313 SER A HB2  1 
ATOM 32  H HB3  . SER A 1 2  ? 1.531   2.503  9.260   1.00 1.17 ? 313 SER A HB3  1 
ATOM 33  H HG   . SER A 1 2  ? 1.711   3.045  11.592  1.00 1.93 ? 313 SER A HG   1 
ATOM 34  N N    . ILE A 1 3  ? 0.084   -0.250 7.557   1.00 0.36 ? 314 ILE A N    1 
ATOM 35  C CA   . ILE A 1 3  ? 0.238   -0.667 6.167   1.00 0.32 ? 314 ILE A CA   1 
ATOM 36  C C    . ILE A 1 3  ? -0.061  0.481  5.213   1.00 0.32 ? 314 ILE A C    1 
ATOM 37  O O    . ILE A 1 3  ? -0.723  1.452  5.579   1.00 0.39 ? 314 ILE A O    1 
ATOM 38  C CB   . ILE A 1 3  ? -0.689  -1.849 5.809   1.00 0.34 ? 314 ILE A CB   1 
ATOM 39  C CG1  . ILE A 1 3  ? -1.002  -2.695 7.044   1.00 0.42 ? 314 ILE A CG1  1 
ATOM 40  C CG2  . ILE A 1 3  ? -0.053  -2.706 4.725   1.00 0.40 ? 314 ILE A CG2  1 
ATOM 41  C CD1  . ILE A 1 3  ? 0.230   -3.204 7.759   1.00 0.50 ? 314 ILE A CD1  1 
ATOM 42  H H    . ILE A 1 3  ? -0.811  -0.242 7.958   1.00 0.42 ? 314 ILE A H    1 
ATOM 43  H HA   . ILE A 1 3  ? 1.261   -0.983 6.025   1.00 0.37 ? 314 ILE A HA   1 
ATOM 44  H HB   . ILE A 1 3  ? -1.610  -1.443 5.415   1.00 0.37 ? 314 ILE A HB   1 
ATOM 45  H HG12 . ILE A 1 3  ? -1.570  -2.102 7.745   1.00 0.42 ? 314 ILE A HG12 1 
ATOM 46  H HG13 . ILE A 1 3  ? -1.591  -3.550 6.745   1.00 0.51 ? 314 ILE A HG13 1 
ATOM 47  H HG21 . ILE A 1 3  ? -0.609  -3.626 4.622   1.00 1.07 ? 314 ILE A HG21 1 
ATOM 48  H HG22 . ILE A 1 3  ? 0.968   -2.930 4.997   1.00 1.03 ? 314 ILE A HG22 1 
ATOM 49  H HG23 . ILE A 1 3  ? -0.067  -2.170 3.787   1.00 1.18 ? 314 ILE A HG23 1 
ATOM 50  H HD11 . ILE A 1 3  ? 0.296   -2.747 8.735   1.00 1.04 ? 314 ILE A HD11 1 
ATOM 51  H HD12 . ILE A 1 3  ? 1.110   -2.951 7.184   1.00 1.16 ? 314 ILE A HD12 1 
ATOM 52  H HD13 . ILE A 1 3  ? 0.168   -4.277 7.868   1.00 1.15 ? 314 ILE A HD13 1 
ATOM 53  N N    . ARG A 1 4  ? 0.424   0.357  3.984   1.00 0.33 ? 315 ARG A N    1 
ATOM 54  C CA   . ARG A 1 4  ? 0.201   1.377  2.969   1.00 0.40 ? 315 ARG A CA   1 
ATOM 55  C C    . ARG A 1 4  ? -0.222  0.735  1.653   1.00 0.41 ? 315 ARG A C    1 
ATOM 56  O O    . ARG A 1 4  ? 0.590   0.565  0.743   1.00 0.46 ? 315 ARG A O    1 
ATOM 57  C CB   . ARG A 1 4  ? 1.466   2.211  2.763   1.00 0.52 ? 315 ARG A CB   1 
ATOM 58  C CG   . ARG A 1 4  ? 1.187   3.650  2.360   1.00 1.06 ? 315 ARG A CG   1 
ATOM 59  C CD   . ARG A 1 4  ? 1.269   4.592  3.551   1.00 1.39 ? 315 ARG A CD   1 
ATOM 60  N NE   . ARG A 1 4  ? -0.053  4.989  4.028   1.00 1.74 ? 315 ARG A NE   1 
ATOM 61  C CZ   . ARG A 1 4  ? -0.274  6.051  4.799   1.00 2.48 ? 315 ARG A CZ   1 
ATOM 62  N NH1  . ARG A 1 4  ? 0.735   6.823  5.183   1.00 2.96 ? 315 ARG A NH1  1 
ATOM 63  N NH2  . ARG A 1 4  ? -1.508  6.342  5.188   1.00 3.18 ? 315 ARG A NH2  1 
ATOM 64  H H    . ARG A 1 4  ? 0.937   -0.444 3.752   1.00 0.33 ? 315 ARG A H    1 
ATOM 65  H HA   . ARG A 1 4  ? -0.595  2.019  3.316   1.00 0.43 ? 315 ARG A HA   1 
ATOM 66  H HB2  . ARG A 1 4  ? 2.030   2.221  3.684   1.00 0.84 ? 315 ARG A HB2  1 
ATOM 67  H HB3  . ARG A 1 4  ? 2.063   1.752  1.991   1.00 0.80 ? 315 ARG A HB3  1 
ATOM 68  H HG2  . ARG A 1 4  ? 1.914   3.954  1.623   1.00 1.75 ? 315 ARG A HG2  1 
ATOM 69  H HG3  . ARG A 1 4  ? 0.195   3.708  1.934   1.00 1.72 ? 315 ARG A HG3  1 
ATOM 70  H HD2  . ARG A 1 4  ? 1.796   4.094  4.352   1.00 1.94 ? 315 ARG A HD2  1 
ATOM 71  H HD3  . ARG A 1 4  ? 1.817   5.475  3.257   1.00 2.01 ? 315 ARG A HD3  1 
ATOM 72  H HE   . ARG A 1 4  ? -0.815  4.436  3.760   1.00 1.95 ? 315 ARG A HE   1 
ATOM 73  H HH11 . ARG A 1 4  ? 1.668   6.609  4.894   1.00 2.86 ? 315 ARG A HH11 1 
ATOM 74  H HH12 . ARG A 1 4  ? 0.562   7.620  5.763   1.00 3.66 ? 315 ARG A HH12 1 
ATOM 75  H HH21 . ARG A 1 4  ? -2.271  5.764  4.901   1.00 3.30 ? 315 ARG A HH21 1 
ATOM 76  H HH22 . ARG A 1 4  ? -1.674  7.140  5.768   1.00 3.80 ? 315 ARG A HH22 1 
ATOM 77  N N    . ILE A 1 5  ? -1.497  0.374  1.564   1.00 0.44 ? 316 ILE A N    1 
ATOM 78  C CA   . ILE A 1 5  ? -2.032  -0.257 0.364   1.00 0.53 ? 316 ILE A CA   1 
ATOM 79  C C    . ILE A 1 5  ? -3.090  0.620  -0.298  1.00 0.61 ? 316 ILE A C    1 
ATOM 80  O O    . ILE A 1 5  ? -4.027  1.080  0.354   1.00 0.75 ? 316 ILE A O    1 
ATOM 81  C CB   . ILE A 1 5  ? -2.645  -1.633 0.677   1.00 0.61 ? 316 ILE A CB   1 
ATOM 82  C CG1  . ILE A 1 5  ? -3.332  -1.619 2.043   1.00 0.60 ? 316 ILE A CG1  1 
ATOM 83  C CG2  . ILE A 1 5  ? -1.571  -2.712 0.631   1.00 0.63 ? 316 ILE A CG2  1 
ATOM 84  C CD1  . ILE A 1 5  ? -3.914  -2.956 2.431   1.00 0.73 ? 316 ILE A CD1  1 
ATOM 85  H H    . ILE A 1 5  ? -2.092  0.532  2.326   1.00 0.45 ? 316 ILE A H    1 
ATOM 86  H HA   . ILE A 1 5  ? -1.217  -0.405 -0.326  1.00 0.55 ? 316 ILE A HA   1 
ATOM 87  H HB   . ILE A 1 5  ? -3.377  -1.858 -0.083  1.00 0.71 ? 316 ILE A HB   1 
ATOM 88  H HG12 . ILE A 1 5  ? -2.613  -1.338 2.799   1.00 0.48 ? 316 ILE A HG12 1 
ATOM 89  H HG13 . ILE A 1 5  ? -4.134  -0.896 2.029   1.00 0.65 ? 316 ILE A HG13 1 
ATOM 90  H HG21 . ILE A 1 5  ? -0.730  -2.357 0.051   1.00 1.02 ? 316 ILE A HG21 1 
ATOM 91  H HG22 . ILE A 1 5  ? -1.974  -3.602 0.173   1.00 1.22 ? 316 ILE A HG22 1 
ATOM 92  H HG23 . ILE A 1 5  ? -1.245  -2.938 1.635   1.00 1.16 ? 316 ILE A HG23 1 
ATOM 93  H HD11 . ILE A 1 5  ? -3.579  -3.706 1.730   1.00 1.35 ? 316 ILE A HD11 1 
ATOM 94  H HD12 . ILE A 1 5  ? -4.992  -2.899 2.410   1.00 1.20 ? 316 ILE A HD12 1 
ATOM 95  H HD13 . ILE A 1 5  ? -3.584  -3.218 3.424   1.00 1.21 ? 316 ILE A HD13 1 
ATOM 96  N N    . GLN A 1 6  ? -2.932  0.845  -1.598  1.00 0.60 ? 317 GLN A N    1 
ATOM 97  C CA   . GLN A 1 6  ? -3.873  1.666  -2.352  1.00 0.71 ? 317 GLN A CA   1 
ATOM 98  C C    . GLN A 1 6  ? -4.238  1.000  -3.675  1.00 0.71 ? 317 GLN A C    1 
ATOM 99  O O    . GLN A 1 6  ? -3.462  0.214  -4.219  1.00 0.74 ? 317 GLN A O    1 
ATOM 100 C CB   . GLN A 1 6  ? -3.278  3.051  -2.611  1.00 0.88 ? 317 GLN A CB   1 
ATOM 101 C CG   . GLN A 1 6  ? -2.791  3.750  -1.352  1.00 1.02 ? 317 GLN A CG   1 
ATOM 102 C CD   . GLN A 1 6  ? -1.310  4.075  -1.399  1.00 1.03 ? 317 GLN A CD   1 
ATOM 103 O OE1  . GLN A 1 6  ? -0.890  5.168  -1.020  1.00 1.50 ? 317 GLN A OE1  1 
ATOM 104 N NE2  . GLN A 1 6  ? -0.511  3.124  -1.869  1.00 1.15 ? 317 GLN A NE2  1 
ATOM 105 H H    . GLN A 1 6  ? -2.165  0.450  -2.063  1.00 0.58 ? 317 GLN A H    1 
ATOM 106 H HA   . GLN A 1 6  ? -4.769  1.774  -1.758  1.00 0.78 ? 317 GLN A HA   1 
ATOM 107 H HB2  . GLN A 1 6  ? -2.444  2.951  -3.289  1.00 1.35 ? 317 GLN A HB2  1 
ATOM 108 H HB3  . GLN A 1 6  ? -4.033  3.673  -3.073  1.00 1.47 ? 317 GLN A HB3  1 
ATOM 109 H HG2  . GLN A 1 6  ? -3.341  4.671  -1.231  1.00 1.73 ? 317 GLN A HG2  1 
ATOM 110 H HG3  . GLN A 1 6  ? -2.976  3.106  -0.505  1.00 1.63 ? 317 GLN A HG3  1 
ATOM 111 H HE21 . GLN A 1 6  ? -0.915  2.278  -2.153  1.00 1.20 ? 317 GLN A HE21 1 
ATOM 112 H HE22 . GLN A 1 6  ? 0.451   3.307  -1.910  1.00 1.51 ? 317 GLN A HE22 1 
ATOM 113 N N    . ARG A 1 7  ? -5.422  1.319  -4.187  1.00 0.80 ? 318 ARG A N    1 
ATOM 114 C CA   . ARG A 1 7  ? -5.888  0.752  -5.447  1.00 0.87 ? 318 ARG A CA   1 
ATOM 115 C C    . ARG A 1 7  ? -6.028  1.834  -6.512  1.00 0.95 ? 318 ARG A C    1 
ATOM 116 O O    . ARG A 1 7  ? -6.502  2.936  -6.235  1.00 1.10 ? 318 ARG A O    1 
ATOM 117 C CB   . ARG A 1 7  ? -7.229  0.042  -5.245  1.00 1.01 ? 318 ARG A CB   1 
ATOM 118 C CG   . ARG A 1 7  ? -8.219  0.836  -4.409  1.00 1.68 ? 318 ARG A CG   1 
ATOM 119 C CD   . ARG A 1 7  ? -9.501  0.055  -4.173  1.00 2.05 ? 318 ARG A CD   1 
ATOM 120 N NE   . ARG A 1 7  ? -10.026 0.260  -2.825  1.00 2.39 ? 318 ARG A NE   1 
ATOM 121 C CZ   . ARG A 1 7  ? -11.058 -0.413 -2.321  1.00 3.01 ? 318 ARG A CZ   1 
ATOM 122 N NH1  . ARG A 1 7  ? -11.678 -1.335 -3.048  1.00 3.31 ? 318 ARG A NH1  1 
ATOM 123 N NH2  . ARG A 1 7  ? -11.472 -0.164 -1.086  1.00 3.72 ? 318 ARG A NH2  1 
ATOM 124 H H    . ARG A 1 7  ? -5.994  1.952  -3.706  1.00 0.88 ? 318 ARG A H    1 
ATOM 125 H HA   . ARG A 1 7  ? -5.156  0.031  -5.777  1.00 0.88 ? 318 ARG A HA   1 
ATOM 126 H HB2  . ARG A 1 7  ? -7.673  -0.143 -6.212  1.00 1.42 ? 318 ARG A HB2  1 
ATOM 127 H HB3  . ARG A 1 7  ? -7.052  -0.903 -4.753  1.00 1.31 ? 318 ARG A HB3  1 
ATOM 128 H HG2  . ARG A 1 7  ? -7.768  1.066  -3.456  1.00 2.19 ? 318 ARG A HG2  1 
ATOM 129 H HG3  . ARG A 1 7  ? -8.457  1.754  -4.927  1.00 2.32 ? 318 ARG A HG3  1 
ATOM 130 H HD2  . ARG A 1 7  ? -10.242 0.377  -4.890  1.00 2.46 ? 318 ARG A HD2  1 
ATOM 131 H HD3  . ARG A 1 7  ? -9.298  -0.996 -4.314  1.00 2.49 ? 318 ARG A HD3  1 
ATOM 132 H HE   . ARG A 1 7  ? -9.587  0.935  -2.266  1.00 2.58 ? 318 ARG A HE   1 
ATOM 133 H HH11 . ARG A 1 7  ? -11.371 -1.526 -3.980  1.00 3.21 ? 318 ARG A HH11 1 
ATOM 134 H HH12 . ARG A 1 7  ? -12.452 -1.836 -2.664  1.00 3.91 ? 318 ARG A HH12 1 
ATOM 135 H HH21 . ARG A 1 7  ? -11.007 0.528  -0.533  1.00 3.91 ? 318 ARG A HH21 1 
ATOM 136 H HH22 . ARG A 1 7  ? -12.247 -0.669 -0.707  1.00 4.26 ? 318 ARG A HH22 1 
ATOM 137 N N    . GLY A 1 8  ? -5.613  1.512  -7.733  1.00 1.04 ? 319 GLY A N    1 
ATOM 138 C CA   . GLY A 1 8  ? -5.699  2.467  -8.822  1.00 1.17 ? 319 GLY A CA   1 
ATOM 139 C C    . GLY A 1 8  ? -4.712  2.169  -9.936  1.00 1.22 ? 319 GLY A C    1 
ATOM 140 O O    . GLY A 1 8  ? -3.718  1.478  -9.716  1.00 1.19 ? 319 GLY A O    1 
ATOM 141 H H    . GLY A 1 8  ? -5.243  0.619  -7.895  1.00 1.10 ? 319 GLY A H    1 
ATOM 142 H HA2  . GLY A 1 8  ? -6.700  2.444  -9.227  1.00 1.30 ? 319 GLY A HA2  1 
ATOM 143 H HA3  . GLY A 1 8  ? -5.501  3.456  -8.435  1.00 1.24 ? 319 GLY A HA3  1 
ATOM 144 N N    . PRO A 1 9  ? -4.961  2.683  -11.153 1.00 1.42 ? 320 PRO A N    1 
ATOM 145 C CA   . PRO A 1 9  ? -4.076  2.460  -12.300 1.00 1.56 ? 320 PRO A CA   1 
ATOM 146 C C    . PRO A 1 9  ? -2.624  2.806  -11.988 1.00 1.55 ? 320 PRO A C    1 
ATOM 147 O O    . PRO A 1 9  ? -2.215  3.962  -12.101 1.00 2.20 ? 320 PRO A O    1 
ATOM 148 C CB   . PRO A 1 9  ? -4.633  3.403  -13.369 1.00 1.79 ? 320 PRO A CB   1 
ATOM 149 C CG   . PRO A 1 9  ? -6.066  3.582  -13.005 1.00 1.90 ? 320 PRO A CG   1 
ATOM 150 C CD   . PRO A 1 9  ? -6.123  3.519  -11.504 1.00 1.63 ? 320 PRO A CD   1 
ATOM 151 H HA   . PRO A 1 9  ? -4.133  1.439  -12.650 1.00 1.62 ? 320 PRO A HA   1 
ATOM 152 H HB2  . PRO A 1 9  ? -4.097  4.339  -13.341 1.00 1.91 ? 320 PRO A HB2  1 
ATOM 153 H HB3  . PRO A 1 9  ? -4.527  2.950  -14.343 1.00 1.98 ? 320 PRO A HB3  1 
ATOM 154 H HG2  . PRO A 1 9  ? -6.416  4.542  -13.354 1.00 2.17 ? 320 PRO A HG2  1 
ATOM 155 H HG3  . PRO A 1 9  ? -6.657  2.787  -13.436 1.00 2.18 ? 320 PRO A HG3  1 
ATOM 156 H HD2  . PRO A 1 9  ? -6.029  4.509  -11.082 1.00 1.69 ? 320 PRO A HD2  1 
ATOM 157 H HD3  . PRO A 1 9  ? -7.044  3.056  -11.180 1.00 1.69 ? 320 PRO A HD3  1 
ATOM 158 N N    . GLY A 1 10 ? -1.851  1.799  -11.596 1.00 1.19 ? 321 GLY A N    1 
ATOM 159 C CA   . GLY A 1 10 ? -0.454  2.019  -11.274 1.00 1.27 ? 321 GLY A CA   1 
ATOM 160 C C    . GLY A 1 10 ? -0.222  2.203  -9.787  1.00 1.12 ? 321 GLY A C    1 
ATOM 161 O O    . GLY A 1 10 ? 0.599   3.022  -9.376  1.00 1.24 ? 321 GLY A O    1 
ATOM 162 H H    . GLY A 1 10 ? -2.233  0.900  -11.525 1.00 1.30 ? 321 GLY A H    1 
ATOM 163 H HA2  . GLY A 1 10 ? 0.120   1.170  -11.614 1.00 1.40 ? 321 GLY A HA2  1 
ATOM 164 H HA3  . GLY A 1 10 ? -0.111  2.902  -11.792 1.00 1.44 ? 321 GLY A HA3  1 
ATOM 165 N N    . ARG A 1 11 ? -0.949  1.439  -8.978  1.00 0.92 ? 322 ARG A N    1 
ATOM 166 C CA   . ARG A 1 11 ? -0.819  1.521  -7.528  1.00 0.80 ? 322 ARG A CA   1 
ATOM 167 C C    . ARG A 1 11 ? -0.080  0.305  -6.978  1.00 0.67 ? 322 ARG A C    1 
ATOM 168 O O    . ARG A 1 11 ? -0.323  -0.825 -7.400  1.00 0.82 ? 322 ARG A O    1 
ATOM 169 C CB   . ARG A 1 11 ? -2.198  1.631  -6.877  1.00 0.83 ? 322 ARG A CB   1 
ATOM 170 C CG   . ARG A 1 11 ? -2.703  3.060  -6.758  1.00 1.42 ? 322 ARG A CG   1 
ATOM 171 C CD   . ARG A 1 11 ? -1.776  3.913  -5.907  1.00 1.89 ? 322 ARG A CD   1 
ATOM 172 N NE   . ARG A 1 11 ? -1.258  5.063  -6.645  1.00 2.58 ? 322 ARG A NE   1 
ATOM 173 C CZ   . ARG A 1 11 ? -2.014  6.073  -7.069  1.00 3.21 ? 322 ARG A CZ   1 
ATOM 174 N NH1  . ARG A 1 11 ? -3.319  6.081  -6.830  1.00 3.46 ? 322 ARG A NH1  1 
ATOM 175 N NH2  . ARG A 1 11 ? -1.463  7.080  -7.733  1.00 4.07 ? 322 ARG A NH2  1 
ATOM 176 H H    . ARG A 1 11 ? -1.587  0.804  -9.365  1.00 0.92 ? 322 ARG A H    1 
ATOM 177 H HA   . ARG A 1 11 ? -0.250  2.408  -7.297  1.00 0.89 ? 322 ARG A HA   1 
ATOM 178 H HB2  . ARG A 1 11 ? -2.908  1.069  -7.467  1.00 0.86 ? 322 ARG A HB2  1 
ATOM 179 H HB3  . ARG A 1 11 ? -2.152  1.205  -5.885  1.00 1.07 ? 322 ARG A HB3  1 
ATOM 180 H HG2  . ARG A 1 11 ? -2.767  3.492  -7.745  1.00 1.94 ? 322 ARG A HG2  1 
ATOM 181 H HG3  . ARG A 1 11 ? -3.684  3.048  -6.306  1.00 1.97 ? 322 ARG A HG3  1 
ATOM 182 H HD2  . ARG A 1 11 ? -2.322  4.268  -5.046  1.00 2.30 ? 322 ARG A HD2  1 
ATOM 183 H HD3  . ARG A 1 11 ? -0.945  3.305  -5.579  1.00 2.28 ? 322 ARG A HD3  1 
ATOM 184 H HE   . ARG A 1 11 ? -0.297  5.083  -6.836  1.00 2.99 ? 322 ARG A HE   1 
ATOM 185 H HH11 . ARG A 1 11 ? -3.741  5.324  -6.328  1.00 3.23 ? 322 ARG A HH11 1 
ATOM 186 H HH12 . ARG A 1 11 ? -3.883  6.842  -7.149  1.00 4.20 ? 322 ARG A HH12 1 
ATOM 187 H HH21 . ARG A 1 11 ? -0.481  7.080  -7.916  1.00 4.36 ? 322 ARG A HH21 1 
ATOM 188 H HH22 . ARG A 1 11 ? -2.031  7.839  -8.052  1.00 4.63 ? 322 ARG A HH22 1 
ATOM 189 N N    . ALA A 1 12 ? 0.822   0.546  -6.032  1.00 0.55 ? 323 ALA A N    1 
ATOM 190 C CA   . ALA A 1 12 ? 1.597   -0.529 -5.424  1.00 0.51 ? 323 ALA A CA   1 
ATOM 191 C C    . ALA A 1 12 ? 1.159   -0.773 -3.983  1.00 0.42 ? 323 ALA A C    1 
ATOM 192 O O    . ALA A 1 12 ? 0.628   0.121  -3.326  1.00 0.43 ? 323 ALA A O    1 
ATOM 193 C CB   . ALA A 1 12 ? 3.082   -0.205 -5.478  1.00 0.60 ? 323 ALA A CB   1 
ATOM 194 H H    . ALA A 1 12 ? 0.971   1.468  -5.737  1.00 0.63 ? 323 ALA A H    1 
ATOM 195 H HA   . ALA A 1 12 ? 1.428   -1.428 -5.998  1.00 0.59 ? 323 ALA A HA   1 
ATOM 196 H HB1  . ALA A 1 12 ? 3.654   -1.110 -5.338  1.00 1.15 ? 323 ALA A HB1  1 
ATOM 197 H HB2  . ALA A 1 12 ? 3.325   0.499  -4.695  1.00 1.29 ? 323 ALA A HB2  1 
ATOM 198 H HB3  . ALA A 1 12 ? 3.321   0.228  -6.438  1.00 1.15 ? 323 ALA A HB3  1 
ATOM 199 N N    . PHE A 1 13 ? 1.383   -1.991 -3.501  1.00 0.47 ? 324 PHE A N    1 
ATOM 200 C CA   . PHE A 1 13 ? 1.011   -2.353 -2.138  1.00 0.45 ? 324 PHE A CA   1 
ATOM 201 C C    . PHE A 1 13 ? 2.239   -2.411 -1.235  1.00 0.50 ? 324 PHE A C    1 
ATOM 202 O O    . PHE A 1 13 ? 3.147   -3.212 -1.455  1.00 0.77 ? 324 PHE A O    1 
ATOM 203 C CB   . PHE A 1 13 ? 0.289   -3.701 -2.125  1.00 0.60 ? 324 PHE A CB   1 
ATOM 204 C CG   . PHE A 1 13 ? -1.051  -3.671 -2.802  1.00 0.68 ? 324 PHE A CG   1 
ATOM 205 C CD1  . PHE A 1 13 ? -1.945  -2.644 -2.552  1.00 1.38 ? 324 PHE A CD1  1 
ATOM 206 C CD2  . PHE A 1 13 ? -1.417  -4.671 -3.690  1.00 1.44 ? 324 PHE A CD2  1 
ATOM 207 C CE1  . PHE A 1 13 ? -3.179  -2.612 -3.173  1.00 1.48 ? 324 PHE A CE1  1 
ATOM 208 C CE2  . PHE A 1 13 ? -2.649  -4.646 -4.314  1.00 1.56 ? 324 PHE A CE2  1 
ATOM 209 C CZ   . PHE A 1 13 ? -3.532  -3.616 -4.056  1.00 1.05 ? 324 PHE A CZ   1 
ATOM 210 H H    . PHE A 1 13 ? 1.809   -2.662 -4.074  1.00 0.60 ? 324 PHE A H    1 
ATOM 211 H HA   . PHE A 1 13 ? 0.341   -1.593 -1.766  1.00 0.40 ? 324 PHE A HA   1 
ATOM 212 H HB2  . PHE A 1 13 ? 0.900   -4.434 -2.632  1.00 0.74 ? 324 PHE A HB2  1 
ATOM 213 H HB3  . PHE A 1 13 ? 0.139   -4.011 -1.101  1.00 0.62 ? 324 PHE A HB3  1 
ATOM 214 H HD1  . PHE A 1 13 ? -1.671  -1.859 -1.863  1.00 2.21 ? 324 PHE A HD1  1 
ATOM 215 H HD2  . PHE A 1 13 ? -0.727  -5.477 -3.893  1.00 2.26 ? 324 PHE A HD2  1 
ATOM 216 H HE1  . PHE A 1 13 ? -3.868  -1.806 -2.969  1.00 2.30 ? 324 PHE A HE1  1 
ATOM 217 H HE2  . PHE A 1 13 ? -2.922  -5.432 -5.003  1.00 2.42 ? 324 PHE A HE2  1 
ATOM 218 H HZ   . PHE A 1 13 ? -4.495  -3.593 -4.543  1.00 1.23 ? 324 PHE A HZ   1 
ATOM 219 N N    . VAL A 1 14 ? 2.259   -1.556 -0.217  1.00 0.40 ? 325 VAL A N    1 
ATOM 220 C CA   . VAL A 1 14 ? 3.375   -1.508 0.720   1.00 0.54 ? 325 VAL A CA   1 
ATOM 221 C C    . VAL A 1 14 ? 2.904   -1.782 2.145   1.00 0.49 ? 325 VAL A C    1 
ATOM 222 O O    . VAL A 1 14 ? 1.722   -1.642 2.455   1.00 0.59 ? 325 VAL A O    1 
ATOM 223 C CB   . VAL A 1 14 ? 4.086   -0.142 0.678   1.00 0.70 ? 325 VAL A CB   1 
ATOM 224 C CG1  . VAL A 1 14 ? 5.374   -0.184 1.487   1.00 1.36 ? 325 VAL A CG1  1 
ATOM 225 C CG2  . VAL A 1 14 ? 4.363   0.272  -0.758  1.00 1.28 ? 325 VAL A CG2  1 
ATOM 226 H H    . VAL A 1 14 ? 1.505   -0.942 -0.095  1.00 0.42 ? 325 VAL A H    1 
ATOM 227 H HA   . VAL A 1 14 ? 4.086   -2.270 0.433   1.00 0.67 ? 325 VAL A HA   1 
ATOM 228 H HB   . VAL A 1 14 ? 3.432   0.594  1.123   1.00 1.31 ? 325 VAL A HB   1 
ATOM 229 H HG11 . VAL A 1 14 ? 5.137   -0.225 2.540   1.00 2.01 ? 325 VAL A HG11 1 
ATOM 230 H HG12 . VAL A 1 14 ? 5.955   0.703  1.283   1.00 1.96 ? 325 VAL A HG12 1 
ATOM 231 H HG13 . VAL A 1 14 ? 5.943   -1.059 1.212   1.00 1.72 ? 325 VAL A HG13 1 
ATOM 232 H HG21 . VAL A 1 14 ? 4.737   1.285  -0.774  1.00 1.90 ? 325 VAL A HG21 1 
ATOM 233 H HG22 . VAL A 1 14 ? 3.451   0.217  -1.332  1.00 1.72 ? 325 VAL A HG22 1 
ATOM 234 H HG23 . VAL A 1 14 ? 5.100   -0.391 -1.188  1.00 1.85 ? 325 VAL A HG23 1 
ATOM 235 N N    . THR A 1 15 ? 3.838   -2.171 3.008   1.00 0.55 ? 326 THR A N    1 
ATOM 236 C CA   . THR A 1 15 ? 3.518   -2.461 4.397   1.00 0.54 ? 326 THR A CA   1 
ATOM 237 C C    . THR A 1 15 ? 4.659   -2.042 5.318   1.00 0.65 ? 326 THR A C    1 
ATOM 238 O O    . THR A 1 15 ? 5.827   -2.326 5.047   1.00 0.79 ? 326 THR A O    1 
ATOM 239 C CB   . THR A 1 15 ? 3.224   -3.951 4.576   1.00 0.60 ? 326 THR A CB   1 
ATOM 240 O OG1  . THR A 1 15 ? 4.422   -4.705 4.559   1.00 1.26 ? 326 THR A OG1  1 
ATOM 241 C CG2  . THR A 1 15 ? 2.312   -4.515 3.508   1.00 1.12 ? 326 THR A CG2  1 
ATOM 242 H H    . THR A 1 15 ? 4.760   -2.262 2.704   1.00 0.71 ? 326 THR A H    1 
ATOM 243 H HA   . THR A 1 15 ? 2.640   -1.896 4.653   1.00 0.47 ? 326 THR A HA   1 
ATOM 244 H HB   . THR A 1 15 ? 2.743   -4.101 5.533   1.00 0.94 ? 326 THR A HB   1 
ATOM 245 H HG1  . THR A 1 15 ? 4.973   -4.416 3.828   1.00 1.76 ? 326 THR A HG1  1 
ATOM 246 H HG21 . THR A 1 15 ? 1.768   -5.358 3.906   1.00 1.59 ? 326 THR A HG21 1 
ATOM 247 H HG22 . THR A 1 15 ? 2.903   -4.835 2.662   1.00 1.74 ? 326 THR A HG22 1 
ATOM 248 H HG23 . THR A 1 15 ? 1.614   -3.754 3.191   1.00 1.65 ? 326 THR A HG23 1 
ATOM 249 N N    . ILE A 1 16 ? 4.314   -1.365 6.409   1.00 0.65 ? 327 ILE A N    1 
ATOM 250 C CA   . ILE A 1 16 ? 5.308   -0.907 7.372   1.00 0.78 ? 327 ILE A CA   1 
ATOM 251 C C    . ILE A 1 16 ? 4.972   -1.388 8.779   1.00 0.77 ? 327 ILE A C    1 
ATOM 252 O O    . ILE A 1 16 ? 3.807   -1.413 9.176   1.00 0.65 ? 327 ILE A O    1 
ATOM 253 C CB   . ILE A 1 16 ? 5.418   0.631  7.380   1.00 0.87 ? 327 ILE A CB   1 
ATOM 254 C CG1  . ILE A 1 16 ? 5.598   1.162  5.955   1.00 1.16 ? 327 ILE A CG1  1 
ATOM 255 C CG2  . ILE A 1 16 ? 6.571   1.077  8.265   1.00 1.10 ? 327 ILE A CG2  1 
ATOM 256 C CD1  . ILE A 1 16 ? 4.785   2.405  5.667   1.00 1.56 ? 327 ILE A CD1  1 
ATOM 257 H H    . ILE A 1 16 ? 3.368   -1.170 6.571   1.00 0.62 ? 327 ILE A H    1 
ATOM 258 H HA   . ILE A 1 16 ? 6.267   -1.313 7.082   1.00 0.88 ? 327 ILE A HA   1 
ATOM 259 H HB   . ILE A 1 16 ? 4.505   1.032  7.792   1.00 0.99 ? 327 ILE A HB   1 
ATOM 260 H HG12 . ILE A 1 16 ? 6.638   1.403  5.797   1.00 1.43 ? 327 ILE A HG12 1 
ATOM 261 H HG13 . ILE A 1 16 ? 5.298   0.398  5.252   1.00 1.42 ? 327 ILE A HG13 1 
ATOM 262 H HG21 . ILE A 1 16 ? 7.306   0.287  8.324   1.00 1.54 ? 327 ILE A HG21 1 
ATOM 263 H HG22 . ILE A 1 16 ? 6.200   1.298  9.256   1.00 1.53 ? 327 ILE A HG22 1 
ATOM 264 H HG23 . ILE A 1 16 ? 7.027   1.962  7.847   1.00 1.56 ? 327 ILE A HG23 1 
ATOM 265 H HD11 . ILE A 1 16 ? 4.708   3.002  6.564   1.00 1.93 ? 327 ILE A HD11 1 
ATOM 266 H HD12 . ILE A 1 16 ? 3.796   2.120  5.339   1.00 2.11 ? 327 ILE A HD12 1 
ATOM 267 H HD13 . ILE A 1 16 ? 5.269   2.980  4.891   1.00 1.91 ? 327 ILE A HD13 1 
ATOM 268 N N    . GLY A 1 17 ? 6.001   -1.770 9.529   1.00 0.93 ? 328 GLY A N    1 
ATOM 269 C CA   . GLY A 1 17 ? 5.794   -2.246 10.884  1.00 0.97 ? 328 GLY A CA   1 
ATOM 270 C C    . GLY A 1 17 ? 7.042   -2.873 11.476  1.00 0.85 ? 328 GLY A C    1 
ATOM 271 O O    . GLY A 1 17 ? 8.119   -2.806 10.884  1.00 1.00 ? 328 GLY A O    1 
ATOM 272 H H    . GLY A 1 17 ? 6.908   -1.729 9.160   1.00 1.05 ? 328 GLY A H    1 
ATOM 273 H HA2  . GLY A 1 17 ? 5.494   -1.415 11.504  1.00 1.22 ? 328 GLY A HA2  1 
ATOM 274 H HA3  . GLY A 1 17 ? 5.003   -2.981 10.879  1.00 1.11 ? 328 GLY A HA3  1 
# 
